data_5QHL
#
_entry.id   5QHL
#
_cell.length_a   37.730
_cell.length_b   74.390
_cell.length_c   63.160
_cell.angle_alpha   90.000
_cell.angle_beta   96.570
_cell.angle_gamma   90.000
#
_symmetry.space_group_name_H-M   'P 1 21 1'
#
loop_
_entity.id
_entity.type
_entity.pdbx_description
1 polymer 'Protein FAM83B'
2 non-polymer 'IODIDE ION'
3 non-polymer 1,2-ETHANEDIOL
4 non-polymer [5-(4-aminophenyl)furan-2-yl]methanol
5 water water
#
_entity_poly.entity_id   1
_entity_poly.type   'polypeptide(L)'
_entity_poly.pdbx_seq_one_letter_code
;SMGGTHIDLLFHPPRAHLLTIKETIRKMIKEARKVIALVMDIFTDVDIFKEIVEASTRGVSVYILLDESNFNHFLNMTEK
QGCSVQRLRNIRVRTVKGQDYLSKTGAKFHGKMEQKFLLVDCQKVMYGSYSYMWSFEKAHLSMVQIITGQLVESFDEEFR
TLYARSCVPSSFAQEESARV
;
_entity_poly.pdbx_strand_id   A,B
#
# COMPACT_ATOMS: atom_id res chain seq x y z
N GLY A 4 -22.01 -7.02 7.39
CA GLY A 4 -22.28 -5.60 7.70
C GLY A 4 -21.01 -4.74 7.56
N THR A 5 -20.35 -4.79 6.40
CA THR A 5 -19.21 -3.89 6.05
C THR A 5 -19.50 -3.11 4.72
N HIS A 6 -19.34 -1.78 4.75
CA HIS A 6 -19.46 -0.94 3.56
C HIS A 6 -18.09 -0.34 3.23
N ILE A 7 -17.71 -0.36 1.96
CA ILE A 7 -16.44 0.20 1.51
C ILE A 7 -16.70 1.09 0.31
N ASP A 8 -16.15 2.30 0.34
CA ASP A 8 -16.10 3.20 -0.83
C ASP A 8 -14.66 3.38 -1.25
N LEU A 9 -14.43 3.73 -2.51
CA LEU A 9 -13.04 3.99 -3.03
C LEU A 9 -12.81 5.46 -3.34
N LEU A 10 -11.62 5.98 -3.02
CA LEU A 10 -11.23 7.35 -3.41
C LEU A 10 -9.83 7.28 -4.08
N PHE A 11 -9.58 8.14 -5.05
CA PHE A 11 -8.31 8.21 -5.78
C PHE A 11 -7.62 9.56 -5.68
N HIS A 12 -6.28 9.55 -5.86
CA HIS A 12 -5.53 10.82 -6.14
C HIS A 12 -4.68 10.62 -7.38
N PRO A 13 -4.81 11.52 -8.39
CA PRO A 13 -5.69 12.70 -8.44
C PRO A 13 -7.17 12.25 -8.34
N PRO A 14 -8.05 13.12 -7.88
CA PRO A 14 -9.48 12.73 -7.69
C PRO A 14 -10.20 12.34 -9.00
N ARG A 15 -11.19 11.46 -8.89
CA ARG A 15 -11.97 10.96 -10.02
C ARG A 15 -13.31 11.66 -9.99
N ALA A 16 -14.41 10.94 -9.81
CA ALA A 16 -15.74 11.59 -9.75
C ALA A 16 -16.14 12.20 -8.39
N HIS A 17 -15.49 11.77 -7.31
CA HIS A 17 -15.85 12.19 -5.95
C HIS A 17 -15.48 13.66 -5.67
N LEU A 18 -16.21 14.27 -4.77
CA LEU A 18 -16.13 15.73 -4.48
C LEU A 18 -14.81 16.14 -3.79
N LEU A 19 -14.43 15.38 -2.79
CA LEU A 19 -13.25 15.69 -1.94
C LEU A 19 -11.98 14.96 -2.40
N THR A 20 -10.82 15.56 -2.16
CA THR A 20 -9.55 14.86 -2.34
C THR A 20 -9.34 13.91 -1.13
N ILE A 21 -8.41 12.96 -1.31
CA ILE A 21 -7.93 12.09 -0.21
C ILE A 21 -7.50 12.95 0.98
N LYS A 22 -6.62 13.95 0.74
CA LYS A 22 -6.15 14.84 1.87
C LYS A 22 -7.30 15.55 2.56
N GLU A 23 -8.26 16.05 1.76
CA GLU A 23 -9.46 16.72 2.36
C GLU A 23 -10.29 15.76 3.22
N THR A 24 -10.36 14.48 2.79
CA THR A 24 -11.14 13.48 3.50
C THR A 24 -10.41 13.08 4.82
N ILE A 25 -9.07 13.02 4.81
CA ILE A 25 -8.30 12.77 6.05
C ILE A 25 -8.56 13.90 7.03
N ARG A 26 -8.52 15.17 6.57
CA ARG A 26 -8.77 16.29 7.49
C ARG A 26 -10.17 16.16 8.12
N LYS A 27 -11.13 15.80 7.29
CA LYS A 27 -12.51 15.61 7.75
C LYS A 27 -12.68 14.56 8.84
N MET A 28 -12.08 13.41 8.56
CA MET A 28 -12.06 12.30 9.51
C MET A 28 -11.47 12.70 10.87
N ILE A 29 -10.37 13.46 10.86
CA ILE A 29 -9.74 13.95 12.07
C ILE A 29 -10.59 15.00 12.82
N LYS A 30 -11.15 15.98 12.11
CA LYS A 30 -12.04 16.98 12.74
C LYS A 30 -13.28 16.34 13.34
N GLU A 31 -13.72 15.21 12.81
CA GLU A 31 -14.93 14.52 13.32
C GLU A 31 -14.67 13.62 14.53
N ALA A 32 -13.41 13.41 14.88
CA ALA A 32 -13.03 12.58 16.02
C ALA A 32 -13.59 13.13 17.34
N ARG A 33 -14.23 12.26 18.12
CA ARG A 33 -14.82 12.62 19.41
C ARG A 33 -13.98 12.10 20.61
N LYS A 34 -13.35 10.94 20.45
CA LYS A 34 -12.69 10.23 21.59
C LYS A 34 -11.24 9.85 21.32
N VAL A 35 -11.00 9.20 20.18
CA VAL A 35 -9.70 8.57 19.92
C VAL A 35 -9.36 8.56 18.42
N ILE A 36 -8.09 8.82 18.14
CA ILE A 36 -7.52 8.68 16.80
C ILE A 36 -6.32 7.71 16.92
N ALA A 37 -6.31 6.68 16.08
CA ALA A 37 -5.22 5.69 15.98
C ALA A 37 -4.63 5.73 14.54
N LEU A 38 -3.35 6.09 14.37
CA LEU A 38 -2.75 6.24 13.01
C LEU A 38 -1.51 5.34 12.89
N VAL A 39 -1.43 4.53 11.81
CA VAL A 39 -0.26 3.78 11.39
C VAL A 39 0.25 4.35 10.07
N MET A 40 1.53 4.75 10.00
CA MET A 40 2.02 5.48 8.83
C MET A 40 3.49 5.25 8.60
N ASP A 41 3.87 5.11 7.34
CA ASP A 41 5.29 4.92 7.02
C ASP A 41 6.15 6.16 6.98
N ILE A 42 5.73 7.23 6.32
CA ILE A 42 6.39 8.53 6.35
C ILE A 42 5.34 9.64 6.58
N PHE A 43 5.59 10.52 7.55
CA PHE A 43 4.65 11.60 7.90
C PHE A 43 5.40 12.92 7.93
N THR A 44 5.34 13.68 6.86
CA THR A 44 5.87 15.03 6.79
C THR A 44 4.88 16.17 6.43
N ASP A 45 3.60 15.86 6.27
CA ASP A 45 2.59 16.81 5.83
C ASP A 45 2.14 17.69 7.00
N VAL A 46 2.44 18.97 6.92
CA VAL A 46 2.18 19.90 8.02
C VAL A 46 0.68 20.18 8.28
N ASP A 47 -0.11 20.22 7.23
CA ASP A 47 -1.54 20.49 7.37
C ASP A 47 -2.24 19.38 8.15
N ILE A 48 -1.90 18.16 7.81
CA ILE A 48 -2.48 16.98 8.54
C ILE A 48 -1.95 16.98 9.97
N PHE A 49 -0.66 17.28 10.17
CA PHE A 49 -0.09 17.36 11.55
C PHE A 49 -0.85 18.41 12.38
N LYS A 50 -1.11 19.59 11.81
CA LYS A 50 -1.85 20.62 12.53
C LYS A 50 -3.24 20.15 12.96
N GLU A 51 -3.94 19.41 12.12
CA GLU A 51 -5.26 18.90 12.48
C GLU A 51 -5.20 17.93 13.65
N ILE A 52 -4.21 17.07 13.62
CA ILE A 52 -4.04 16.12 14.76
C ILE A 52 -3.70 16.87 16.07
N VAL A 53 -2.77 17.82 16.04
CA VAL A 53 -2.49 18.64 17.27
C VAL A 53 -3.74 19.34 17.75
N GLU A 54 -4.49 19.98 16.84
CA GLU A 54 -5.80 20.61 17.22
C GLU A 54 -6.85 19.65 17.87
N ALA A 55 -6.99 18.46 17.32
CA ALA A 55 -7.78 17.42 17.96
C ALA A 55 -7.32 17.06 19.41
N SER A 56 -6.01 16.95 19.61
CA SER A 56 -5.51 16.62 20.91
C SER A 56 -5.80 17.75 21.94
N THR A 57 -5.80 19.00 21.49
CA THR A 57 -6.04 20.13 22.42
C THR A 57 -7.49 20.16 22.82
N ARG A 58 -8.38 19.60 22.04
CA ARG A 58 -9.79 19.46 22.50
C ARG A 58 -10.11 18.20 23.28
N GLY A 59 -9.09 17.45 23.68
CA GLY A 59 -9.24 16.24 24.49
C GLY A 59 -9.31 14.86 23.85
N VAL A 60 -9.15 14.78 22.52
CA VAL A 60 -9.07 13.49 21.86
C VAL A 60 -7.68 12.85 22.17
N SER A 61 -7.66 11.57 22.49
CA SER A 61 -6.40 10.84 22.72
C SER A 61 -5.90 10.42 21.33
N VAL A 62 -4.64 10.66 21.07
CA VAL A 62 -4.05 10.37 19.74
C VAL A 62 -2.88 9.38 19.92
N TYR A 63 -2.94 8.25 19.22
CA TYR A 63 -1.85 7.28 19.18
C TYR A 63 -1.28 7.14 17.75
N ILE A 64 0.02 7.37 17.58
CA ILE A 64 0.67 7.40 16.27
C ILE A 64 1.82 6.35 16.24
N LEU A 65 1.75 5.41 15.30
CA LEU A 65 2.76 4.41 15.02
C LEU A 65 3.43 4.65 13.70
N LEU A 66 4.73 4.90 13.73
CA LEU A 66 5.55 5.25 12.57
C LEU A 66 6.62 4.21 12.34
N ASP A 67 6.82 3.88 11.07
CA ASP A 67 7.97 3.10 10.65
C ASP A 67 9.29 3.65 11.25
N GLU A 68 10.04 2.78 11.91
CA GLU A 68 11.25 3.18 12.60
C GLU A 68 12.32 3.82 11.67
N SER A 69 12.58 3.20 10.57
CA SER A 69 13.63 3.70 9.67
C SER A 69 13.30 5.09 9.08
N ASN A 70 12.02 5.51 9.04
CA ASN A 70 11.62 6.80 8.51
C ASN A 70 11.28 7.87 9.58
N PHE A 71 11.48 7.54 10.87
CA PHE A 71 11.04 8.40 11.94
C PHE A 71 11.66 9.80 11.93
N ASN A 72 12.95 9.90 11.57
CA ASN A 72 13.59 11.25 11.56
C ASN A 72 12.94 12.26 10.57
N HIS A 73 12.27 11.77 9.53
CA HIS A 73 11.49 12.68 8.65
C HIS A 73 10.40 13.41 9.42
N PHE A 74 9.66 12.68 10.26
CA PHE A 74 8.64 13.25 11.12
C PHE A 74 9.22 14.22 12.17
N LEU A 75 10.27 13.80 12.84
CA LEU A 75 10.91 14.66 13.85
C LEU A 75 11.39 15.97 13.24
N ASN A 76 12.02 15.84 12.07
CA ASN A 76 12.52 17.05 11.41
C ASN A 76 11.42 18.02 11.08
N MET A 77 10.24 17.52 10.69
CA MET A 77 9.08 18.37 10.37
C MET A 77 8.50 19.07 11.59
N THR A 78 8.37 18.36 12.70
CA THR A 78 7.70 18.90 13.89
C THR A 78 8.65 20.04 14.47
N GLU A 79 9.92 19.78 14.47
CA GLU A 79 10.86 20.82 14.92
C GLU A 79 10.88 22.09 14.04
N LYS A 80 10.71 21.95 12.74
CA LYS A 80 10.59 23.12 11.84
C LYS A 80 9.34 23.92 12.09
N GLN A 81 8.28 23.26 12.49
CA GLN A 81 7.07 23.93 12.87
C GLN A 81 7.14 24.59 14.26
N GLY A 82 8.27 24.48 14.97
CA GLY A 82 8.39 24.95 16.37
C GLY A 82 7.59 24.15 17.42
N CYS A 83 7.33 22.87 17.16
CA CYS A 83 6.58 22.02 18.08
C CYS A 83 7.54 21.03 18.73
N SER A 84 7.46 20.87 20.05
CA SER A 84 8.11 19.80 20.78
C SER A 84 6.99 18.78 21.04
N VAL A 85 6.82 17.83 20.14
CA VAL A 85 5.63 16.94 20.19
C VAL A 85 5.63 16.00 21.42
N GLN A 86 6.83 15.70 21.87
CA GLN A 86 7.07 14.93 23.07
C GLN A 86 6.55 15.59 24.34
N ARG A 87 6.18 16.88 24.30
CA ARG A 87 5.49 17.54 25.42
C ARG A 87 3.93 17.54 25.37
N LEU A 88 3.34 17.04 24.29
CA LEU A 88 1.88 16.99 24.19
C LEU A 88 1.43 15.68 24.83
N ARG A 89 0.86 15.79 26.01
CA ARG A 89 0.50 14.64 26.81
C ARG A 89 -0.60 13.81 26.17
N ASN A 90 -1.49 14.43 25.36
CA ASN A 90 -2.60 13.68 24.77
C ASN A 90 -2.20 12.94 23.47
N ILE A 91 -0.95 13.09 23.02
CA ILE A 91 -0.42 12.37 21.87
C ILE A 91 0.75 11.45 22.34
N ARG A 92 0.66 10.15 21.96
CA ARG A 92 1.76 9.23 22.08
C ARG A 92 2.27 8.78 20.73
N VAL A 93 3.56 8.96 20.51
CA VAL A 93 4.24 8.53 19.26
C VAL A 93 5.21 7.38 19.54
N ARG A 94 5.06 6.24 18.86
CA ARG A 94 5.94 5.11 18.99
C ARG A 94 6.35 4.59 17.62
N THR A 95 7.44 3.83 17.56
CA THR A 95 7.95 3.29 16.29
C THR A 95 7.87 1.79 16.21
N VAL A 96 7.76 1.28 14.98
CA VAL A 96 7.69 -0.19 14.72
C VAL A 96 8.70 -0.57 13.65
N LYS A 97 9.52 -1.61 13.94
CA LYS A 97 10.49 -2.19 13.02
C LYS A 97 9.90 -3.39 12.29
N GLY A 98 10.44 -3.63 11.10
CA GLY A 98 10.21 -4.89 10.38
C GLY A 98 10.97 -6.04 11.01
N GLN A 99 11.25 -7.05 10.19
CA GLN A 99 11.80 -8.30 10.63
C GLN A 99 13.31 -8.12 10.69
N ASP A 100 13.92 -8.87 11.59
CA ASP A 100 15.41 -8.89 11.69
C ASP A 100 15.93 -9.86 10.63
N TYR A 101 16.97 -9.48 9.93
CA TYR A 101 17.58 -10.36 8.95
C TYR A 101 19.08 -10.05 8.83
N LEU A 102 19.84 -11.06 8.45
CA LEU A 102 21.30 -11.02 8.38
C LEU A 102 21.71 -10.93 6.94
N SER A 103 22.46 -9.90 6.55
CA SER A 103 22.97 -9.82 5.16
C SER A 103 24.16 -10.72 4.96
N LYS A 104 24.49 -10.98 3.68
CA LYS A 104 25.63 -11.85 3.29
C LYS A 104 27.01 -11.29 3.65
N THR A 105 27.08 -10.02 4.02
CA THR A 105 28.26 -9.50 4.72
C THR A 105 28.14 -9.55 6.26
N GLY A 106 27.17 -10.31 6.80
CA GLY A 106 27.08 -10.59 8.24
C GLY A 106 26.44 -9.52 9.14
N ALA A 107 26.56 -8.25 8.73
CA ALA A 107 25.83 -7.14 9.33
C ALA A 107 24.33 -7.47 9.42
N LYS A 108 23.80 -7.43 10.64
CA LYS A 108 22.37 -7.61 10.87
C LYS A 108 21.66 -6.30 10.53
N PHE A 109 20.43 -6.39 10.03
CA PHE A 109 19.58 -5.23 9.70
C PHE A 109 18.13 -5.56 10.07
N HIS A 110 17.27 -4.53 10.08
CA HIS A 110 15.84 -4.76 10.12
C HIS A 110 15.19 -4.07 8.91
N GLY A 111 14.06 -4.65 8.51
CA GLY A 111 13.25 -4.12 7.42
C GLY A 111 12.16 -3.18 7.96
N LYS A 112 11.09 -2.96 7.20
CA LYS A 112 10.20 -1.83 7.38
C LYS A 112 8.79 -2.34 7.68
N MET A 113 8.00 -1.51 8.34
CA MET A 113 6.54 -1.75 8.54
C MET A 113 5.88 -1.11 7.36
N GLU A 114 5.40 -1.95 6.43
CA GLU A 114 4.67 -1.50 5.25
C GLU A 114 3.15 -1.60 5.49
N GLN A 115 2.61 -0.61 6.19
CA GLN A 115 1.21 -0.60 6.63
C GLN A 115 0.87 0.89 6.85
N LYS A 116 -0.34 1.25 6.44
CA LYS A 116 -0.81 2.65 6.38
C LYS A 116 -2.35 2.59 6.62
N PHE A 117 -2.80 3.08 7.77
CA PHE A 117 -4.23 3.25 8.04
C PHE A 117 -4.52 4.27 9.15
N LEU A 118 -5.70 4.88 9.02
CA LEU A 118 -6.23 5.84 9.97
C LEU A 118 -7.55 5.26 10.54
N LEU A 119 -7.64 5.12 11.87
CA LEU A 119 -8.79 4.49 12.59
C LEU A 119 -9.32 5.53 13.61
N VAL A 120 -10.56 5.99 13.44
CA VAL A 120 -11.17 7.06 14.26
C VAL A 120 -12.36 6.53 15.03
N ASP A 121 -12.35 6.82 16.31
CA ASP A 121 -13.40 6.42 17.30
C ASP A 121 -13.81 4.93 17.25
N CYS A 122 -12.86 4.05 16.94
N CYS A 122 -12.85 4.04 16.94
CA CYS A 122 -13.11 2.61 16.73
CA CYS A 122 -13.11 2.61 16.71
C CYS A 122 -14.28 2.31 15.79
C CYS A 122 -14.29 2.31 15.77
N GLN A 123 -14.56 3.22 14.84
CA GLN A 123 -15.78 3.12 13.98
C GLN A 123 -15.61 3.40 12.51
N LYS A 124 -14.51 4.05 12.10
CA LYS A 124 -14.30 4.34 10.69
C LYS A 124 -12.80 4.23 10.38
N VAL A 125 -12.46 3.60 9.24
CA VAL A 125 -11.05 3.46 8.77
C VAL A 125 -10.83 4.00 7.38
N MET A 126 -9.65 4.63 7.13
CA MET A 126 -9.17 4.91 5.79
C MET A 126 -7.92 4.03 5.62
N TYR A 127 -7.90 3.17 4.61
CA TYR A 127 -6.84 2.17 4.38
C TYR A 127 -6.40 2.23 2.92
N GLY A 128 -5.08 2.33 2.65
CA GLY A 128 -4.69 2.28 1.28
C GLY A 128 -3.24 2.73 1.06
N SER A 129 -2.93 3.18 -0.14
CA SER A 129 -1.50 3.45 -0.56
C SER A 129 -1.01 4.91 -0.41
N TYR A 130 -1.86 5.80 0.12
CA TYR A 130 -1.54 7.21 0.30
C TYR A 130 -0.70 7.43 1.55
N SER A 131 0.53 7.92 1.42
CA SER A 131 1.34 8.37 2.56
C SER A 131 1.24 9.89 2.77
N TYR A 132 1.51 10.32 4.01
CA TYR A 132 1.27 11.70 4.38
C TYR A 132 2.53 12.56 4.08
N MET A 133 2.80 12.80 2.79
CA MET A 133 3.95 13.60 2.39
C MET A 133 3.66 14.27 1.03
N TRP A 134 4.45 15.28 0.67
N TRP A 134 4.47 15.27 0.68
CA TRP A 134 4.18 16.13 -0.49
CA TRP A 134 4.25 16.12 -0.48
C TRP A 134 4.14 15.34 -1.81
C TRP A 134 4.14 15.34 -1.79
N SER A 135 4.93 14.29 -1.91
CA SER A 135 5.00 13.49 -3.16
C SER A 135 3.66 12.78 -3.52
N PHE A 136 2.86 12.43 -2.51
CA PHE A 136 1.54 11.88 -2.76
C PHE A 136 0.50 12.91 -3.15
N GLU A 137 0.77 14.23 -2.95
CA GLU A 137 -0.13 15.26 -3.50
C GLU A 137 0.17 15.61 -4.96
N LYS A 138 1.46 15.77 -5.22
CA LYS A 138 1.95 16.29 -6.50
C LYS A 138 2.47 15.29 -7.56
N ALA A 139 2.98 14.15 -7.13
CA ALA A 139 3.77 13.26 -8.00
C ALA A 139 3.11 11.91 -8.28
N HIS A 140 2.46 11.27 -7.28
CA HIS A 140 2.12 9.86 -7.41
C HIS A 140 0.61 9.67 -7.69
N LEU A 141 0.27 8.49 -8.21
CA LEU A 141 -1.14 7.99 -8.28
C LEU A 141 -1.36 7.07 -7.08
N SER A 142 -2.43 7.26 -6.31
CA SER A 142 -2.69 6.39 -5.17
C SER A 142 -4.21 6.18 -5.01
N MET A 143 -4.59 5.31 -4.11
CA MET A 143 -6.02 5.02 -3.85
C MET A 143 -6.20 4.70 -2.38
N VAL A 144 -7.38 4.98 -1.80
CA VAL A 144 -7.73 4.49 -0.47
C VAL A 144 -9.14 3.88 -0.47
N GLN A 145 -9.38 3.10 0.57
CA GLN A 145 -10.73 2.64 0.95
C GLN A 145 -11.24 3.41 2.18
N ILE A 146 -12.52 3.80 2.20
CA ILE A 146 -13.17 4.27 3.44
C ILE A 146 -14.11 3.14 3.89
N ILE A 147 -13.88 2.68 5.11
CA ILE A 147 -14.47 1.43 5.63
C ILE A 147 -15.27 1.69 6.88
N THR A 148 -16.52 1.20 6.90
CA THR A 148 -17.35 1.18 8.09
C THR A 148 -17.95 -0.22 8.27
N GLY A 149 -18.40 -0.51 9.49
CA GLY A 149 -19.03 -1.82 9.74
C GLY A 149 -18.12 -2.80 10.40
N GLN A 150 -18.39 -4.07 10.16
CA GLN A 150 -17.72 -5.17 10.94
C GLN A 150 -16.20 -5.28 10.74
N LEU A 151 -15.72 -5.00 9.52
CA LEU A 151 -14.28 -5.03 9.22
C LEU A 151 -13.44 -4.06 10.09
N VAL A 152 -14.06 -3.00 10.58
CA VAL A 152 -13.38 -2.02 11.44
C VAL A 152 -12.80 -2.70 12.67
N GLU A 153 -13.54 -3.67 13.21
CA GLU A 153 -13.05 -4.44 14.37
C GLU A 153 -11.72 -5.13 14.13
N SER A 154 -11.46 -5.60 12.90
CA SER A 154 -10.15 -6.21 12.57
C SER A 154 -9.00 -5.20 12.56
N PHE A 155 -9.28 -3.98 12.10
CA PHE A 155 -8.26 -2.90 12.14
C PHE A 155 -7.96 -2.49 13.59
N ASP A 156 -8.97 -2.50 14.45
CA ASP A 156 -8.78 -2.22 15.86
C ASP A 156 -7.87 -3.25 16.51
N GLU A 157 -8.15 -4.54 16.25
CA GLU A 157 -7.29 -5.63 16.73
C GLU A 157 -5.85 -5.47 16.23
N GLU A 158 -5.70 -5.20 14.91
CA GLU A 158 -4.36 -5.07 14.37
C GLU A 158 -3.59 -3.83 14.95
N PHE A 159 -4.28 -2.70 15.12
CA PHE A 159 -3.69 -1.58 15.81
C PHE A 159 -3.15 -1.95 17.20
N ARG A 160 -3.95 -2.64 17.97
CA ARG A 160 -3.51 -3.06 19.33
C ARG A 160 -2.29 -3.99 19.32
N THR A 161 -2.27 -4.89 18.32
CA THR A 161 -1.17 -5.78 18.12
C THR A 161 0.14 -4.99 17.75
N LEU A 162 0.06 -4.04 16.83
CA LEU A 162 1.24 -3.20 16.50
C LEU A 162 1.66 -2.33 17.68
N TYR A 163 0.69 -1.83 18.44
CA TYR A 163 0.99 -1.00 19.61
C TYR A 163 1.80 -1.79 20.63
N ALA A 164 1.40 -3.08 20.82
CA ALA A 164 2.13 -3.93 21.78
C ALA A 164 3.61 -4.11 21.35
N ARG A 165 3.83 -4.27 20.03
CA ARG A 165 5.13 -4.44 19.47
C ARG A 165 5.98 -3.17 19.49
N SER A 166 5.35 -2.00 19.36
CA SER A 166 6.07 -0.73 19.18
C SER A 166 6.93 -0.31 20.39
N CYS A 167 7.91 0.54 20.09
CA CYS A 167 8.87 1.10 21.02
C CYS A 167 8.85 2.63 21.09
N VAL A 168 9.27 3.19 22.24
CA VAL A 168 9.45 4.63 22.35
C VAL A 168 10.63 4.97 21.44
N PRO A 169 10.53 6.04 20.62
CA PRO A 169 11.61 6.38 19.69
C PRO A 169 12.92 6.74 20.41
N SER A 170 14.05 6.31 19.90
CA SER A 170 15.29 6.50 20.69
C SER A 170 15.64 7.98 20.94
N SER A 171 15.36 8.89 20.00
CA SER A 171 15.54 10.37 20.25
C SER A 171 14.83 10.80 21.51
N PHE A 172 13.65 10.25 21.74
CA PHE A 172 12.90 10.58 22.93
C PHE A 172 13.45 9.67 24.05
N GLY B 4 -23.00 -7.10 0.65
CA GLY B 4 -22.60 -8.16 -0.34
C GLY B 4 -21.14 -8.10 -0.80
N THR B 5 -20.22 -7.79 0.12
CA THR B 5 -18.77 -7.91 -0.09
C THR B 5 -18.16 -8.70 1.11
N HIS B 6 -17.40 -9.76 0.84
CA HIS B 6 -16.69 -10.47 1.91
C HIS B 6 -15.17 -10.26 1.82
N ILE B 7 -14.54 -10.05 2.99
CA ILE B 7 -13.13 -9.67 3.12
C ILE B 7 -12.46 -10.49 4.20
N ASP B 8 -11.30 -11.10 3.86
CA ASP B 8 -10.44 -11.82 4.77
C ASP B 8 -9.12 -11.06 4.84
N LEU B 9 -8.47 -11.01 6.00
CA LEU B 9 -7.12 -10.41 6.07
C LEU B 9 -6.06 -11.47 6.18
N LEU B 10 -4.93 -11.27 5.50
CA LEU B 10 -3.73 -12.11 5.71
C LEU B 10 -2.51 -11.20 5.98
N PHE B 11 -1.58 -11.69 6.80
CA PHE B 11 -0.37 -10.98 7.22
C PHE B 11 0.93 -11.68 6.80
N HIS B 12 2.03 -10.93 6.64
CA HIS B 12 3.41 -11.51 6.53
C HIS B 12 4.31 -10.77 7.52
N PRO B 13 4.91 -11.51 8.48
CA PRO B 13 4.85 -12.94 8.74
C PRO B 13 3.43 -13.29 9.07
N PRO B 14 3.04 -14.54 8.87
CA PRO B 14 1.67 -14.98 9.01
C PRO B 14 1.17 -15.06 10.46
N ARG B 15 -0.14 -14.93 10.66
CA ARG B 15 -0.81 -14.93 11.98
C ARG B 15 -1.55 -16.23 12.14
N ALA B 16 -2.87 -16.19 12.37
CA ALA B 16 -3.70 -17.37 12.52
C ALA B 16 -4.40 -17.71 11.19
N HIS B 17 -3.60 -17.89 10.16
CA HIS B 17 -4.10 -18.43 8.89
C HIS B 17 -3.11 -19.50 8.46
N LEU B 18 -3.58 -20.50 7.73
CA LEU B 18 -2.68 -21.65 7.36
C LEU B 18 -1.66 -21.35 6.27
N LEU B 19 -2.03 -20.52 5.31
CA LEU B 19 -1.14 -20.18 4.21
C LEU B 19 -0.42 -18.83 4.36
N THR B 20 0.78 -18.72 3.79
CA THR B 20 1.47 -17.41 3.64
C THR B 20 0.79 -16.60 2.49
N ILE B 21 1.03 -15.30 2.52
CA ILE B 21 0.61 -14.41 1.43
C ILE B 21 1.13 -15.00 0.11
N LYS B 22 2.46 -15.25 0.00
CA LYS B 22 3.04 -15.81 -1.27
C LYS B 22 2.35 -17.14 -1.69
N GLU B 23 2.05 -18.05 -0.73
CA GLU B 23 1.33 -19.29 -1.09
C GLU B 23 -0.10 -19.06 -1.60
N THR B 24 -0.74 -18.02 -1.05
CA THR B 24 -2.11 -17.68 -1.45
C THR B 24 -2.12 -17.03 -2.86
N ILE B 25 -1.06 -16.22 -3.18
CA ILE B 25 -0.89 -15.64 -4.55
C ILE B 25 -0.72 -16.83 -5.56
N ARG B 26 0.10 -17.83 -5.18
CA ARG B 26 0.31 -18.98 -6.09
C ARG B 26 -1.03 -19.70 -6.33
N LYS B 27 -1.76 -19.89 -5.24
CA LYS B 27 -3.08 -20.53 -5.31
C LYS B 27 -4.06 -19.84 -6.25
N MET B 28 -4.08 -18.51 -6.14
CA MET B 28 -4.99 -17.66 -6.94
C MET B 28 -4.66 -17.77 -8.45
N ILE B 29 -3.38 -17.81 -8.76
CA ILE B 29 -2.95 -17.90 -10.13
C ILE B 29 -3.23 -19.34 -10.67
N LYS B 30 -2.96 -20.39 -9.88
CA LYS B 30 -3.30 -21.78 -10.32
C LYS B 30 -4.79 -22.05 -10.58
N GLU B 31 -5.63 -21.33 -9.84
CA GLU B 31 -7.07 -21.44 -9.93
C GLU B 31 -7.64 -20.61 -11.06
N ALA B 32 -6.86 -19.75 -11.69
CA ALA B 32 -7.37 -18.95 -12.83
C ALA B 32 -7.78 -19.82 -14.07
N ARG B 33 -8.98 -19.59 -14.57
CA ARG B 33 -9.53 -20.32 -15.73
C ARG B 33 -9.53 -19.49 -17.02
N LYS B 34 -9.70 -18.14 -16.93
CA LYS B 34 -9.83 -17.31 -18.11
C LYS B 34 -8.88 -16.11 -18.25
N VAL B 35 -8.78 -15.31 -17.19
N VAL B 35 -8.73 -15.35 -17.17
CA VAL B 35 -8.03 -14.06 -17.17
CA VAL B 35 -8.00 -14.10 -17.19
C VAL B 35 -7.37 -13.76 -15.82
C VAL B 35 -7.40 -13.71 -15.83
N ILE B 36 -6.14 -13.25 -15.90
CA ILE B 36 -5.42 -12.73 -14.76
C ILE B 36 -5.02 -11.23 -15.13
N ALA B 37 -5.33 -10.33 -14.23
CA ALA B 37 -4.98 -8.92 -14.31
C ALA B 37 -4.17 -8.49 -13.05
N LEU B 38 -2.93 -8.04 -13.26
CA LEU B 38 -2.03 -7.71 -12.16
C LEU B 38 -1.58 -6.28 -12.31
N VAL B 39 -1.61 -5.52 -11.21
CA VAL B 39 -1.00 -4.19 -11.09
C VAL B 39 0.07 -4.27 -10.02
N MET B 40 1.32 -3.91 -10.30
CA MET B 40 2.37 -4.11 -9.33
C MET B 40 3.48 -3.06 -9.49
N ASP B 41 4.07 -2.63 -8.37
CA ASP B 41 5.12 -1.67 -8.43
C ASP B 41 6.52 -2.22 -8.72
N ILE B 42 6.90 -3.32 -8.08
CA ILE B 42 8.19 -3.97 -8.37
C ILE B 42 7.94 -5.48 -8.41
N PHE B 43 8.36 -6.16 -9.48
CA PHE B 43 8.18 -7.60 -9.65
C PHE B 43 9.53 -8.27 -10.05
N THR B 44 10.15 -8.92 -9.06
CA THR B 44 11.37 -9.71 -9.26
C THR B 44 11.27 -11.15 -8.67
N ASP B 45 10.11 -11.58 -8.16
CA ASP B 45 9.96 -12.94 -7.60
C ASP B 45 9.81 -14.00 -8.67
N VAL B 46 10.83 -14.85 -8.80
CA VAL B 46 10.85 -15.86 -9.78
C VAL B 46 9.74 -16.89 -9.64
N ASP B 47 9.43 -17.35 -8.43
CA ASP B 47 8.43 -18.37 -8.25
C ASP B 47 7.03 -17.90 -8.67
N ILE B 48 6.70 -16.65 -8.39
CA ILE B 48 5.38 -16.09 -8.85
C ILE B 48 5.41 -15.92 -10.38
N PHE B 49 6.53 -15.45 -10.96
CA PHE B 49 6.65 -15.34 -12.45
C PHE B 49 6.43 -16.70 -13.13
N LYS B 50 7.05 -17.75 -12.60
CA LYS B 50 6.86 -19.08 -13.15
C LYS B 50 5.38 -19.53 -13.11
N GLU B 51 4.64 -19.21 -12.06
CA GLU B 51 3.23 -19.59 -12.02
C GLU B 51 2.44 -18.85 -13.11
N ILE B 52 2.82 -17.60 -13.34
CA ILE B 52 2.08 -16.78 -14.37
C ILE B 52 2.32 -17.34 -15.79
N VAL B 53 3.59 -17.62 -16.08
CA VAL B 53 3.94 -18.23 -17.38
C VAL B 53 3.18 -19.54 -17.56
N GLU B 54 3.18 -20.40 -16.55
CA GLU B 54 2.42 -21.65 -16.65
C GLU B 54 0.91 -21.46 -16.92
N ALA B 55 0.29 -20.50 -16.25
CA ALA B 55 -1.09 -20.19 -16.54
C ALA B 55 -1.31 -19.74 -18.03
N SER B 56 -0.42 -18.92 -18.56
CA SER B 56 -0.53 -18.47 -19.93
C SER B 56 -0.38 -19.64 -20.92
N THR B 57 0.46 -20.63 -20.59
CA THR B 57 0.57 -21.85 -21.48
C THR B 57 -0.68 -22.73 -21.50
N ARG B 58 -1.46 -22.68 -20.44
CA ARG B 58 -2.76 -23.31 -20.31
C ARG B 58 -3.82 -22.55 -21.08
N GLY B 59 -3.51 -21.38 -21.63
CA GLY B 59 -4.53 -20.62 -22.34
C GLY B 59 -5.12 -19.43 -21.60
N VAL B 60 -4.69 -19.18 -20.36
CA VAL B 60 -5.22 -18.01 -19.61
C VAL B 60 -4.62 -16.71 -20.21
N SER B 61 -5.44 -15.69 -20.43
CA SER B 61 -4.95 -14.37 -20.88
C SER B 61 -4.41 -13.61 -19.64
N VAL B 62 -3.22 -13.08 -19.74
CA VAL B 62 -2.52 -12.40 -18.64
C VAL B 62 -2.18 -10.96 -19.05
N TYR B 63 -2.69 -9.99 -18.28
CA TYR B 63 -2.35 -8.58 -18.42
C TYR B 63 -1.60 -8.08 -17.18
N ILE B 64 -0.39 -7.52 -17.38
CA ILE B 64 0.46 -7.06 -16.27
C ILE B 64 0.76 -5.58 -16.49
N LEU B 65 0.41 -4.77 -15.50
CA LEU B 65 0.72 -3.36 -15.43
C LEU B 65 1.80 -3.07 -14.34
N LEU B 66 2.97 -2.54 -14.75
CA LEU B 66 4.10 -2.26 -13.83
C LEU B 66 4.42 -0.81 -13.76
N ASP B 67 4.85 -0.35 -12.59
CA ASP B 67 5.32 1.01 -12.47
C ASP B 67 6.52 1.27 -13.42
N GLU B 68 6.48 2.40 -14.11
CA GLU B 68 7.46 2.63 -15.16
C GLU B 68 8.92 2.69 -14.68
N SER B 69 9.19 3.42 -13.60
N SER B 69 9.17 3.43 -13.60
CA SER B 69 10.57 3.59 -13.13
CA SER B 69 10.52 3.60 -13.05
C SER B 69 11.22 2.30 -12.62
C SER B 69 11.20 2.28 -12.70
N ASN B 70 10.42 1.31 -12.22
CA ASN B 70 10.93 0.00 -11.79
C ASN B 70 10.89 -1.13 -12.84
N PHE B 71 10.49 -0.82 -14.09
CA PHE B 71 10.27 -1.86 -15.06
C PHE B 71 11.53 -2.70 -15.40
N ASN B 72 12.71 -2.05 -15.47
CA ASN B 72 13.90 -2.77 -15.89
C ASN B 72 14.32 -3.89 -14.88
N HIS B 73 13.96 -3.75 -13.62
CA HIS B 73 14.14 -4.85 -12.63
C HIS B 73 13.33 -6.08 -12.98
N PHE B 74 12.10 -5.90 -13.40
CA PHE B 74 11.34 -7.03 -13.93
C PHE B 74 11.98 -7.65 -15.21
N LEU B 75 12.31 -6.84 -16.21
CA LEU B 75 12.83 -7.41 -17.47
C LEU B 75 14.16 -8.16 -17.24
N ASN B 76 15.00 -7.61 -16.39
CA ASN B 76 16.24 -8.28 -16.03
C ASN B 76 16.04 -9.62 -15.38
N MET B 77 15.07 -9.77 -14.49
CA MET B 77 14.73 -11.07 -13.90
C MET B 77 14.30 -12.09 -14.93
N THR B 78 13.36 -11.69 -15.80
CA THR B 78 12.88 -12.58 -16.85
C THR B 78 14.09 -13.04 -17.77
N GLU B 79 14.99 -12.13 -18.09
CA GLU B 79 16.14 -12.49 -18.96
C GLU B 79 17.12 -13.43 -18.22
N LYS B 80 17.33 -13.22 -16.92
CA LYS B 80 18.17 -14.10 -16.12
C LYS B 80 17.57 -15.48 -15.99
N GLN B 81 16.26 -15.59 -15.98
CA GLN B 81 15.61 -16.88 -16.08
C GLN B 81 15.64 -17.55 -17.49
N GLY B 82 16.29 -16.93 -18.47
CA GLY B 82 16.33 -17.43 -19.85
C GLY B 82 15.03 -17.33 -20.62
N CYS B 83 14.10 -16.48 -20.16
CA CYS B 83 12.82 -16.30 -20.80
C CYS B 83 12.88 -15.04 -21.64
N SER B 84 12.25 -15.09 -22.82
CA SER B 84 12.06 -13.89 -23.61
C SER B 84 10.56 -13.53 -23.53
N VAL B 85 10.23 -12.67 -22.55
CA VAL B 85 8.83 -12.46 -22.16
C VAL B 85 8.02 -11.79 -23.29
N GLN B 86 8.69 -10.92 -24.06
CA GLN B 86 8.23 -10.38 -25.37
C GLN B 86 7.62 -11.38 -26.33
N ARG B 87 8.10 -12.61 -26.31
CA ARG B 87 7.60 -13.67 -27.20
C ARG B 87 6.41 -14.52 -26.69
N LEU B 88 5.93 -14.29 -25.46
CA LEU B 88 4.72 -14.99 -24.99
C LEU B 88 3.50 -14.19 -25.39
N ARG B 89 2.76 -14.68 -26.37
CA ARG B 89 1.60 -13.97 -26.92
C ARG B 89 0.43 -13.88 -25.94
N ASN B 90 0.33 -14.79 -24.97
CA ASN B 90 -0.85 -14.78 -24.09
C ASN B 90 -0.65 -13.81 -22.93
N ILE B 91 0.56 -13.24 -22.80
CA ILE B 91 0.87 -12.19 -21.77
C ILE B 91 1.13 -10.84 -22.47
N ARG B 92 0.45 -9.78 -22.01
CA ARG B 92 0.80 -8.42 -22.39
C ARG B 92 1.30 -7.66 -21.16
N VAL B 93 2.49 -7.07 -21.27
CA VAL B 93 3.09 -6.27 -20.20
C VAL B 93 3.19 -4.84 -20.65
N ARG B 94 2.66 -3.89 -19.83
CA ARG B 94 2.67 -2.47 -20.14
C ARG B 94 3.06 -1.66 -18.85
N THR B 95 3.51 -0.43 -19.03
CA THR B 95 3.97 0.41 -17.93
C THR B 95 2.98 1.56 -17.69
N VAL B 96 2.84 1.95 -16.42
CA VAL B 96 2.13 3.15 -16.00
C VAL B 96 3.04 4.14 -15.23
N LYS B 97 2.97 5.43 -15.59
CA LYS B 97 3.67 6.53 -14.91
C LYS B 97 2.69 7.24 -13.99
N GLY B 98 3.19 7.82 -12.91
CA GLY B 98 2.52 8.87 -12.13
C GLY B 98 2.31 10.19 -12.83
N GLN B 99 2.05 11.23 -12.03
CA GLN B 99 1.75 12.58 -12.53
C GLN B 99 3.07 13.24 -12.99
N ASP B 100 3.00 14.09 -14.00
CA ASP B 100 4.17 15.00 -14.32
C ASP B 100 4.28 16.14 -13.34
N TYR B 101 5.48 16.52 -12.97
CA TYR B 101 5.61 17.65 -12.09
C TYR B 101 6.98 18.35 -12.29
N LEU B 102 7.07 19.59 -11.78
CA LEU B 102 8.37 20.36 -11.84
C LEU B 102 9.03 20.38 -10.48
N SER B 103 10.34 20.16 -10.44
CA SER B 103 11.07 20.20 -9.17
C SER B 103 11.42 21.63 -8.81
N LYS B 104 12.02 21.76 -7.61
CA LYS B 104 12.56 23.01 -7.04
C LYS B 104 13.41 23.79 -8.05
N THR B 105 14.17 23.06 -8.88
CA THR B 105 15.11 23.65 -9.85
C THR B 105 14.50 23.88 -11.21
N GLY B 106 13.21 23.59 -11.34
CA GLY B 106 12.49 23.66 -12.60
C GLY B 106 12.55 22.46 -13.53
N ALA B 107 13.17 21.35 -13.12
CA ALA B 107 13.24 20.16 -14.00
C ALA B 107 11.92 19.34 -13.94
N LYS B 108 11.65 18.64 -15.04
CA LYS B 108 10.45 17.88 -15.42
C LYS B 108 10.58 16.37 -15.07
N PHE B 109 9.87 15.85 -14.07
CA PHE B 109 9.97 14.42 -13.70
C PHE B 109 8.53 13.84 -13.67
N HIS B 110 8.40 12.54 -13.46
CA HIS B 110 7.09 11.94 -13.20
C HIS B 110 7.22 11.11 -11.97
N GLY B 111 6.10 10.97 -11.26
CA GLY B 111 6.06 10.17 -10.08
C GLY B 111 5.69 8.72 -10.39
N LYS B 112 5.23 8.04 -9.37
CA LYS B 112 5.07 6.61 -9.43
C LYS B 112 3.59 6.20 -9.32
N MET B 113 3.26 5.07 -9.92
CA MET B 113 1.97 4.34 -9.72
C MET B 113 2.09 3.58 -8.42
N GLU B 114 1.49 4.11 -7.35
CA GLU B 114 1.50 3.43 -6.06
C GLU B 114 0.19 2.62 -5.90
N GLN B 115 0.15 1.45 -6.50
CA GLN B 115 -1.08 0.65 -6.57
C GLN B 115 -0.61 -0.77 -6.76
N LYS B 116 -1.25 -1.66 -6.02
CA LYS B 116 -1.08 -3.04 -6.32
C LYS B 116 -2.16 -4.00 -5.92
N PHE B 117 -2.51 -4.83 -6.91
CA PHE B 117 -3.60 -5.76 -6.72
C PHE B 117 -3.55 -6.80 -7.81
N LEU B 118 -4.13 -7.95 -7.45
CA LEU B 118 -4.22 -9.11 -8.31
C LEU B 118 -5.70 -9.42 -8.45
N LEU B 119 -6.17 -9.46 -9.70
CA LEU B 119 -7.58 -9.65 -10.04
C LEU B 119 -7.73 -10.88 -10.98
N VAL B 120 -8.47 -11.92 -10.51
CA VAL B 120 -8.62 -13.21 -11.23
C VAL B 120 -10.05 -13.53 -11.61
N ASP B 121 -10.21 -13.84 -12.89
CA ASP B 121 -11.51 -14.19 -13.48
C ASP B 121 -12.66 -13.25 -13.20
N CYS B 122 -12.34 -11.97 -13.08
N CYS B 122 -12.34 -11.97 -13.06
CA CYS B 122 -13.29 -10.92 -12.68
CA CYS B 122 -13.29 -10.93 -12.68
C CYS B 122 -14.12 -11.28 -11.45
C CYS B 122 -14.12 -11.28 -11.45
N GLN B 123 -13.55 -12.06 -10.53
CA GLN B 123 -14.29 -12.51 -9.32
C GLN B 123 -13.59 -12.55 -8.02
N LYS B 124 -12.26 -12.35 -7.96
CA LYS B 124 -11.58 -12.38 -6.69
C LYS B 124 -10.38 -11.45 -6.76
N VAL B 125 -10.18 -10.67 -5.71
CA VAL B 125 -9.05 -9.72 -5.67
C VAL B 125 -8.18 -9.92 -4.42
N MET B 126 -6.86 -9.78 -4.60
CA MET B 126 -5.95 -9.62 -3.48
C MET B 126 -5.39 -8.21 -3.58
N TYR B 127 -5.61 -7.39 -2.54
CA TYR B 127 -5.28 -5.98 -2.49
C TYR B 127 -4.49 -5.67 -1.18
N GLY B 128 -3.34 -4.95 -1.25
CA GLY B 128 -2.69 -4.60 -0.06
C GLY B 128 -1.23 -4.17 -0.29
N SER B 129 -0.39 -4.35 0.73
CA SER B 129 0.95 -3.66 0.76
C SER B 129 2.12 -4.59 0.37
N TYR B 130 1.82 -5.85 0.10
CA TYR B 130 2.84 -6.83 -0.30
C TYR B 130 3.28 -6.62 -1.78
N SER B 131 4.55 -6.30 -2.02
CA SER B 131 5.16 -6.31 -3.37
C SER B 131 5.93 -7.64 -3.66
N TYR B 132 6.01 -7.98 -4.95
CA TYR B 132 6.54 -9.28 -5.39
C TYR B 132 8.04 -9.28 -5.53
N MET B 133 8.73 -9.12 -4.38
CA MET B 133 10.17 -9.11 -4.31
C MET B 133 10.67 -9.76 -2.96
N TRP B 134 11.96 -10.11 -2.94
CA TRP B 134 12.57 -10.90 -1.85
C TRP B 134 12.42 -10.18 -0.49
N SER B 135 12.53 -8.88 -0.49
CA SER B 135 12.44 -8.11 0.75
C SER B 135 11.07 -8.28 1.47
N PHE B 136 9.99 -8.48 0.72
CA PHE B 136 8.70 -8.71 1.33
C PHE B 136 8.56 -10.06 1.92
N GLU B 137 9.42 -11.03 1.55
CA GLU B 137 9.43 -12.33 2.23
C GLU B 137 10.25 -12.32 3.55
N LYS B 138 11.42 -11.65 3.50
CA LYS B 138 12.45 -11.77 4.52
C LYS B 138 12.63 -10.56 5.47
N ALA B 139 12.26 -9.37 5.03
CA ALA B 139 12.61 -8.15 5.74
C ALA B 139 11.37 -7.38 6.30
N HIS B 140 10.24 -7.36 5.59
CA HIS B 140 9.20 -6.33 5.89
C HIS B 140 8.00 -6.96 6.51
N LEU B 141 7.21 -6.14 7.19
CA LEU B 141 5.87 -6.54 7.66
C LEU B 141 4.82 -6.05 6.61
N SER B 142 3.83 -6.87 6.24
CA SER B 142 2.84 -6.40 5.27
C SER B 142 1.51 -7.09 5.53
N MET B 143 0.49 -6.66 4.79
CA MET B 143 -0.85 -7.24 4.94
C MET B 143 -1.59 -7.15 3.60
N VAL B 144 -2.48 -8.09 3.36
CA VAL B 144 -3.42 -8.01 2.19
C VAL B 144 -4.83 -8.37 2.60
N GLN B 145 -5.78 -7.95 1.76
CA GLN B 145 -7.17 -8.35 1.82
C GLN B 145 -7.46 -9.33 0.66
N ILE B 146 -8.28 -10.38 0.92
CA ILE B 146 -8.83 -11.20 -0.15
C ILE B 146 -10.29 -10.80 -0.25
N ILE B 147 -10.73 -10.34 -1.41
CA ILE B 147 -12.04 -9.72 -1.58
C ILE B 147 -12.87 -10.47 -2.60
N THR B 148 -14.14 -10.72 -2.28
CA THR B 148 -15.13 -11.29 -3.19
C THR B 148 -16.44 -10.51 -3.04
N GLY B 149 -17.30 -10.63 -4.04
CA GLY B 149 -18.55 -9.91 -4.07
C GLY B 149 -18.47 -8.60 -4.86
N GLN B 150 -19.35 -7.68 -4.49
CA GLN B 150 -19.64 -6.50 -5.33
C GLN B 150 -18.44 -5.55 -5.53
N LEU B 151 -17.61 -5.41 -4.50
CA LEU B 151 -16.41 -4.55 -4.64
C LEU B 151 -15.45 -4.96 -5.73
N VAL B 152 -15.44 -6.24 -6.09
CA VAL B 152 -14.56 -6.70 -7.17
C VAL B 152 -14.85 -5.96 -8.47
N GLU B 153 -16.12 -5.64 -8.74
CA GLU B 153 -16.43 -4.82 -9.96
C GLU B 153 -15.75 -3.48 -9.98
N SER B 154 -15.55 -2.88 -8.82
CA SER B 154 -14.78 -1.62 -8.76
C SER B 154 -13.29 -1.76 -9.12
N PHE B 155 -12.70 -2.86 -8.71
CA PHE B 155 -11.33 -3.20 -9.15
C PHE B 155 -11.19 -3.51 -10.65
N ASP B 156 -12.20 -4.16 -11.24
CA ASP B 156 -12.24 -4.40 -12.67
C ASP B 156 -12.29 -3.08 -13.48
N GLU B 157 -13.11 -2.14 -13.00
CA GLU B 157 -13.23 -0.82 -13.65
C GLU B 157 -11.89 -0.10 -13.55
N GLU B 158 -11.30 -0.12 -12.35
CA GLU B 158 -9.99 0.54 -12.15
C GLU B 158 -8.86 -0.12 -12.98
N PHE B 159 -8.87 -1.44 -13.14
CA PHE B 159 -7.88 -2.07 -14.02
C PHE B 159 -8.03 -1.55 -15.45
N ARG B 160 -9.27 -1.49 -15.94
CA ARG B 160 -9.50 -1.01 -17.30
C ARG B 160 -9.04 0.45 -17.53
N THR B 161 -9.30 1.30 -16.53
CA THR B 161 -8.87 2.69 -16.56
C THR B 161 -7.31 2.78 -16.60
N LEU B 162 -6.64 2.00 -15.74
CA LEU B 162 -5.16 1.99 -15.78
C LEU B 162 -4.59 1.40 -17.09
N TYR B 163 -5.26 0.37 -17.64
CA TYR B 163 -4.83 -0.27 -18.91
C TYR B 163 -4.89 0.75 -20.05
N ALA B 164 -5.95 1.57 -20.03
CA ALA B 164 -6.14 2.62 -21.05
C ALA B 164 -4.99 3.64 -21.00
N ARG B 165 -4.55 4.00 -19.77
CA ARG B 165 -3.43 4.93 -19.59
C ARG B 165 -2.05 4.38 -19.87
N SER B 166 -1.89 3.06 -19.70
CA SER B 166 -0.62 2.40 -19.81
C SER B 166 0.01 2.46 -21.21
N CYS B 167 1.35 2.31 -21.24
CA CYS B 167 2.18 2.37 -22.43
C CYS B 167 2.99 1.07 -22.68
N VAL B 168 3.30 0.79 -23.95
CA VAL B 168 4.32 -0.25 -24.26
C VAL B 168 5.64 0.17 -23.65
N PRO B 169 6.34 -0.76 -22.95
CA PRO B 169 7.58 -0.37 -22.28
C PRO B 169 8.68 0.12 -23.25
N SER B 170 9.34 1.22 -22.94
CA SER B 170 10.39 1.78 -23.84
C SER B 170 11.53 0.76 -24.12
N SER B 171 11.90 -0.05 -23.12
CA SER B 171 12.90 -1.12 -23.26
C SER B 171 12.61 -2.14 -24.35
N PHE B 172 11.35 -2.27 -24.76
CA PHE B 172 11.02 -3.21 -25.79
C PHE B 172 11.37 -2.66 -27.18
#